data_5SBW
#
_entry.id   5SBW
#
_cell.length_a   31.066
_cell.length_b   82.133
_cell.length_c   32.089
_cell.angle_alpha   90.000
_cell.angle_beta   117.830
_cell.angle_gamma   90.000
#
_symmetry.space_group_name_H-M   'P 1 21 1'
#
loop_
_entity.id
_entity.type
_entity.pdbx_description
1 polymer 'CD44 antigen'
2 non-polymer 1-{[4-(propan-2-yl)phenyl]methyl}piperidin-4-ol
3 non-polymer 'DIMETHYL SULFOXIDE'
4 non-polymer 1,2-ETHANEDIOL
5 water water
#
_entity_poly.entity_id   1
_entity_poly.type   'polypeptide(L)'
_entity_poly.pdbx_seq_one_letter_code
;MNQIDLNVTCRYAGVFHVEKNGRYSISRTEAADLCQAFNSTLPTMDQMKLALSKGFETCRYGFIEGNVVIPRIHPNAICA
ANHTGVYILVTSNTSHYDTYCFNASAPPEEDCTSVTDLPNSFDGPVTITIVNRDGTRYSKKGEYRTHQEDID
;
_entity_poly.pdbx_strand_id   A
#
loop_
_chem_comp.id
_chem_comp.type
_chem_comp.name
_chem_comp.formula
DMS non-polymer 'DIMETHYL SULFOXIDE' 'C2 H6 O S'
EDO non-polymer 1,2-ETHANEDIOL 'C2 H6 O2'
O0M non-polymer 1-{[4-(propan-2-yl)phenyl]methyl}piperidin-4-ol 'C15 H23 N O'
#
# COMPACT_ATOMS: atom_id res chain seq x y z
N ASN A 2 11.11 13.37 13.53
CA ASN A 2 11.03 11.94 13.22
C ASN A 2 9.60 11.64 12.80
N GLN A 3 9.31 11.78 11.50
CA GLN A 3 7.94 11.68 11.00
C GLN A 3 7.89 10.88 9.71
N ILE A 4 6.84 10.07 9.58
CA ILE A 4 6.56 9.29 8.35
C ILE A 4 5.13 9.54 7.96
N ASP A 5 4.89 9.93 6.70
N ASP A 5 4.89 9.88 6.69
CA ASP A 5 3.55 10.10 6.14
CA ASP A 5 3.54 10.06 6.16
C ASP A 5 3.27 8.84 5.33
C ASP A 5 3.21 8.91 5.25
N LEU A 6 2.08 8.29 5.52
CA LEU A 6 1.62 7.12 4.74
C LEU A 6 0.30 7.48 4.06
N ASN A 7 0.35 7.75 2.74
CA ASN A 7 -0.89 8.04 2.01
C ASN A 7 -1.52 6.73 1.62
N VAL A 8 -2.79 6.57 1.98
CA VAL A 8 -3.53 5.32 1.73
C VAL A 8 -4.77 5.56 0.89
N THR A 9 -5.27 4.50 0.26
CA THR A 9 -6.45 4.56 -0.60
C THR A 9 -7.64 3.87 0.02
N CYS A 10 -8.77 3.91 -0.70
CA CYS A 10 -9.91 3.01 -0.59
C CYS A 10 -9.36 1.56 -0.55
N ARG A 11 -10.13 0.68 0.03
CA ARG A 11 -9.87 -0.77 -0.04
C ARG A 11 -10.84 -1.38 -1.03
N TYR A 12 -10.35 -2.32 -1.84
CA TYR A 12 -11.18 -3.04 -2.81
C TYR A 12 -10.95 -4.49 -2.57
N ALA A 13 -11.97 -5.20 -2.07
CA ALA A 13 -11.81 -6.59 -1.64
C ALA A 13 -10.60 -6.76 -0.71
N GLY A 14 -10.45 -5.78 0.18
CA GLY A 14 -9.39 -5.77 1.19
C GLY A 14 -8.05 -5.26 0.74
N VAL A 15 -7.87 -4.97 -0.56
CA VAL A 15 -6.57 -4.50 -1.06
C VAL A 15 -6.54 -3.00 -1.11
N PHE A 16 -5.42 -2.43 -0.68
CA PHE A 16 -5.23 -0.98 -0.74
C PHE A 16 -3.79 -0.64 -1.03
N HIS A 17 -3.56 0.59 -1.44
CA HIS A 17 -2.23 1.11 -1.81
C HIS A 17 -1.71 2.04 -0.71
N VAL A 18 -0.40 1.97 -0.43
CA VAL A 18 0.29 2.82 0.55
C VAL A 18 1.51 3.43 -0.09
N GLU A 19 1.62 4.76 -0.04
CA GLU A 19 2.77 5.50 -0.53
C GLU A 19 3.42 6.16 0.67
N LYS A 20 4.73 6.00 0.83
CA LYS A 20 5.44 6.59 1.97
CA LYS A 20 5.42 6.59 1.96
C LYS A 20 6.13 7.87 1.56
N ASN A 21 5.86 8.94 2.31
CA ASN A 21 6.52 10.24 2.13
C ASN A 21 6.46 10.82 0.72
N GLY A 22 5.38 10.51 0.02
CA GLY A 22 5.13 11.09 -1.29
C GLY A 22 6.15 10.76 -2.36
N ARG A 23 6.90 9.68 -2.20
CA ARG A 23 7.89 9.25 -3.19
C ARG A 23 7.99 7.75 -3.17
N TYR A 24 8.50 7.14 -4.25
CA TYR A 24 8.81 5.69 -4.23
C TYR A 24 9.95 5.49 -3.24
N SER A 25 9.66 4.86 -2.09
CA SER A 25 10.66 4.86 -1.00
C SER A 25 10.60 3.65 -0.11
N ILE A 26 9.87 2.60 -0.50
CA ILE A 26 9.72 1.43 0.34
C ILE A 26 10.49 0.24 -0.23
N SER A 27 11.30 -0.45 0.58
CA SER A 27 11.94 -1.71 0.14
C SER A 27 10.95 -2.85 0.30
N ARG A 28 11.25 -4.04 -0.27
CA ARG A 28 10.35 -5.18 -0.09
C ARG A 28 10.23 -5.57 1.41
N THR A 29 11.33 -5.53 2.16
CA THR A 29 11.25 -5.86 3.60
C THR A 29 10.43 -4.84 4.37
N GLU A 30 10.59 -3.54 4.07
CA GLU A 30 9.81 -2.52 4.77
CA GLU A 30 9.82 -2.52 4.76
C GLU A 30 8.34 -2.67 4.39
N ALA A 31 8.04 -3.07 3.14
CA ALA A 31 6.67 -3.23 2.72
C ALA A 31 5.97 -4.29 3.52
N ALA A 32 6.63 -5.44 3.76
CA ALA A 32 5.98 -6.48 4.55
C ALA A 32 5.72 -5.99 5.97
N ASP A 33 6.69 -5.25 6.54
CA ASP A 33 6.50 -4.73 7.89
C ASP A 33 5.38 -3.68 7.97
N LEU A 34 5.29 -2.86 6.95
CA LEU A 34 4.26 -1.82 6.90
CA LEU A 34 4.27 -1.80 6.87
C LEU A 34 2.88 -2.46 6.81
N CYS A 35 2.69 -3.47 5.94
CA CYS A 35 1.39 -4.13 5.88
C CYS A 35 1.07 -4.80 7.22
N GLN A 36 2.07 -5.39 7.90
CA GLN A 36 1.83 -6.05 9.20
C GLN A 36 1.32 -5.03 10.22
N ALA A 37 1.78 -3.76 10.14
CA ALA A 37 1.29 -2.70 11.05
C ALA A 37 -0.20 -2.38 10.82
N PHE A 38 -0.73 -2.71 9.63
CA PHE A 38 -2.14 -2.56 9.33
C PHE A 38 -2.86 -3.90 9.47
N ASN A 39 -2.30 -4.89 10.24
CA ASN A 39 -2.91 -6.23 10.36
C ASN A 39 -3.18 -6.85 8.99
N SER A 40 -2.27 -6.56 8.04
CA SER A 40 -2.40 -6.90 6.64
C SER A 40 -1.17 -7.63 6.12
N THR A 41 -1.29 -8.17 4.90
CA THR A 41 -0.17 -8.86 4.27
C THR A 41 0.02 -8.32 2.88
N LEU A 42 1.15 -8.63 2.22
CA LEU A 42 1.29 -8.24 0.80
CA LEU A 42 1.33 -8.27 0.81
C LEU A 42 0.27 -9.09 0.03
N PRO A 43 -0.52 -8.48 -0.85
CA PRO A 43 -1.55 -9.27 -1.56
C PRO A 43 -0.92 -10.33 -2.44
N THR A 44 -1.65 -11.43 -2.65
CA THR A 44 -1.28 -12.38 -3.69
C THR A 44 -1.74 -11.78 -5.02
N MET A 45 -1.28 -12.34 -6.14
CA MET A 45 -1.74 -11.92 -7.43
C MET A 45 -3.25 -12.18 -7.57
N ASP A 46 -3.75 -13.30 -7.04
CA ASP A 46 -5.20 -13.58 -7.11
C ASP A 46 -6.00 -12.55 -6.32
N GLN A 47 -5.51 -12.15 -5.14
CA GLN A 47 -6.23 -11.14 -4.36
C GLN A 47 -6.24 -9.80 -5.11
N MET A 48 -5.12 -9.43 -5.74
CA MET A 48 -5.03 -8.18 -6.50
C MET A 48 -5.95 -8.25 -7.72
N LYS A 49 -6.00 -9.40 -8.42
CA LYS A 49 -6.93 -9.52 -9.55
C LYS A 49 -8.39 -9.34 -9.11
N LEU A 50 -8.77 -9.89 -7.95
CA LEU A 50 -10.16 -9.70 -7.53
C LEU A 50 -10.40 -8.22 -7.16
N ALA A 51 -9.42 -7.57 -6.54
CA ALA A 51 -9.57 -6.12 -6.20
C ALA A 51 -9.75 -5.31 -7.47
N LEU A 52 -8.95 -5.60 -8.54
CA LEU A 52 -9.09 -4.91 -9.83
CA LEU A 52 -9.11 -4.88 -9.79
C LEU A 52 -10.53 -5.08 -10.35
N SER A 53 -11.08 -6.31 -10.25
CA SER A 53 -12.43 -6.55 -10.76
C SER A 53 -13.52 -5.76 -10.00
N LYS A 54 -13.23 -5.34 -8.77
CA LYS A 54 -14.15 -4.53 -7.96
C LYS A 54 -13.99 -3.03 -8.15
N GLY A 55 -13.01 -2.60 -8.94
CA GLY A 55 -12.85 -1.19 -9.24
C GLY A 55 -11.51 -0.58 -8.87
N PHE A 56 -10.56 -1.39 -8.44
CA PHE A 56 -9.24 -0.85 -8.01
C PHE A 56 -8.31 -0.56 -9.16
N GLU A 57 -7.79 0.67 -9.22
CA GLU A 57 -6.71 1.02 -10.13
C GLU A 57 -5.86 2.10 -9.51
N THR A 58 -4.57 2.11 -9.82
CA THR A 58 -3.68 3.21 -9.38
C THR A 58 -2.81 3.58 -10.60
N CYS A 59 -1.95 4.57 -10.43
CA CYS A 59 -0.93 4.88 -11.40
C CYS A 59 0.45 4.83 -10.74
N ARG A 60 0.65 3.87 -9.82
CA ARG A 60 1.91 3.76 -9.10
C ARG A 60 2.35 2.32 -8.99
N TYR A 61 3.65 2.10 -9.15
CA TYR A 61 4.21 0.76 -8.91
C TYR A 61 4.19 0.44 -7.43
N GLY A 62 3.79 -0.77 -7.09
CA GLY A 62 3.84 -1.20 -5.70
C GLY A 62 4.03 -2.70 -5.56
N PHE A 63 4.63 -3.10 -4.44
CA PHE A 63 4.80 -4.53 -4.18
C PHE A 63 3.51 -5.25 -3.93
N ILE A 64 3.44 -6.46 -4.49
CA ILE A 64 2.54 -7.50 -4.05
C ILE A 64 3.47 -8.67 -3.69
N GLU A 65 2.93 -9.82 -3.27
CA GLU A 65 3.76 -11.01 -3.05
CA GLU A 65 3.79 -10.97 -3.04
C GLU A 65 4.34 -11.42 -4.41
N GLY A 66 5.63 -11.43 -4.50
CA GLY A 66 6.32 -11.92 -5.69
C GLY A 66 6.58 -10.97 -6.83
N ASN A 67 5.88 -9.83 -6.93
CA ASN A 67 6.09 -8.94 -8.06
C ASN A 67 5.83 -7.50 -7.63
N VAL A 68 6.12 -6.59 -8.55
CA VAL A 68 5.83 -5.15 -8.43
C VAL A 68 4.84 -4.85 -9.56
N VAL A 69 3.66 -4.25 -9.23
CA VAL A 69 2.59 -4.16 -10.21
C VAL A 69 1.90 -2.81 -10.16
N ILE A 70 1.08 -2.57 -11.18
CA ILE A 70 0.15 -1.47 -11.23
C ILE A 70 -1.21 -2.03 -11.69
N PRO A 71 -2.30 -2.01 -10.86
CA PRO A 71 -3.61 -2.46 -11.35
C PRO A 71 -4.20 -1.35 -12.23
N ARG A 72 -4.66 -1.69 -13.44
CA ARG A 72 -5.23 -0.72 -14.37
C ARG A 72 -6.58 -1.18 -14.88
N ILE A 73 -7.55 -0.29 -14.85
CA ILE A 73 -8.86 -0.55 -15.46
C ILE A 73 -8.91 0.20 -16.77
N HIS A 74 -8.64 1.51 -16.75
CA HIS A 74 -8.77 2.37 -17.95
C HIS A 74 -7.42 2.59 -18.58
N PRO A 75 -7.29 2.40 -19.90
CA PRO A 75 -5.98 2.64 -20.52
C PRO A 75 -5.58 4.11 -20.41
N ASN A 76 -4.36 4.35 -19.94
CA ASN A 76 -3.84 5.69 -19.82
C ASN A 76 -2.38 5.60 -20.22
N ALA A 77 -1.99 6.44 -21.21
CA ALA A 77 -0.64 6.39 -21.74
C ALA A 77 0.48 6.57 -20.72
N ILE A 78 0.25 7.32 -19.64
CA ILE A 78 1.30 7.53 -18.64
C ILE A 78 1.17 6.63 -17.39
N CYS A 79 0.28 5.62 -17.44
CA CYS A 79 0.13 4.68 -16.32
C CYS A 79 0.28 3.29 -16.89
N ALA A 80 1.41 2.60 -16.66
CA ALA A 80 1.63 1.24 -17.17
C ALA A 80 1.52 1.18 -18.69
N ALA A 81 2.02 2.22 -19.38
CA ALA A 81 2.09 2.26 -20.84
C ALA A 81 0.79 1.81 -21.55
N ASN A 82 -0.36 2.35 -21.10
CA ASN A 82 -1.64 2.10 -21.72
C ASN A 82 -2.21 0.69 -21.55
N HIS A 83 -1.60 -0.13 -20.69
CA HIS A 83 -2.12 -1.48 -20.46
C HIS A 83 -3.30 -1.47 -19.50
N THR A 84 -4.10 -2.53 -19.56
CA THR A 84 -5.16 -2.77 -18.58
C THR A 84 -4.84 -4.11 -17.90
N GLY A 85 -5.52 -4.38 -16.79
CA GLY A 85 -5.26 -5.59 -16.00
C GLY A 85 -4.21 -5.30 -14.96
N VAL A 86 -3.73 -6.35 -14.29
CA VAL A 86 -2.64 -6.17 -13.32
C VAL A 86 -1.34 -6.13 -14.10
N TYR A 87 -0.81 -4.94 -14.34
CA TYR A 87 0.41 -4.79 -15.11
C TYR A 87 1.60 -5.15 -14.24
N ILE A 88 2.48 -6.04 -14.74
CA ILE A 88 3.65 -6.47 -13.97
C ILE A 88 4.91 -5.76 -14.46
N LEU A 89 5.64 -5.10 -13.55
CA LEU A 89 6.93 -4.50 -13.89
C LEU A 89 7.92 -5.60 -14.21
N VAL A 90 8.54 -5.50 -15.39
CA VAL A 90 9.51 -6.55 -15.81
C VAL A 90 10.93 -6.10 -15.61
N THR A 91 11.31 -4.89 -16.09
CA THR A 91 12.69 -4.48 -16.06
C THR A 91 12.82 -3.17 -15.33
N SER A 92 13.67 -3.15 -14.30
CA SER A 92 13.98 -1.92 -13.58
C SER A 92 15.34 -2.07 -12.95
N ASN A 93 16.07 -0.96 -12.87
CA ASN A 93 17.37 -1.01 -12.17
C ASN A 93 17.22 -1.03 -10.64
N THR A 94 16.10 -0.43 -10.13
CA THR A 94 15.98 0.00 -8.76
C THR A 94 15.03 -0.83 -7.93
N SER A 95 15.11 -0.68 -6.59
CA SER A 95 14.46 -1.59 -5.67
C SER A 95 13.35 -1.01 -4.81
N HIS A 96 13.11 0.32 -4.87
CA HIS A 96 12.15 0.96 -3.94
C HIS A 96 10.90 1.41 -4.64
N TYR A 97 9.75 1.04 -4.09
CA TYR A 97 8.48 1.33 -4.76
C TYR A 97 7.47 1.74 -3.68
N ASP A 98 6.18 1.81 -4.03
CA ASP A 98 5.14 1.93 -3.00
C ASP A 98 4.80 0.47 -2.60
N THR A 99 3.76 0.24 -1.82
CA THR A 99 3.30 -1.10 -1.56
C THR A 99 1.82 -1.19 -1.68
N TYR A 100 1.34 -2.40 -1.94
CA TYR A 100 -0.05 -2.77 -1.74
C TYR A 100 -0.09 -3.63 -0.47
N CYS A 101 -1.25 -3.65 0.18
CA CYS A 101 -1.52 -4.40 1.40
C CYS A 101 -2.90 -5.00 1.26
N PHE A 102 -3.12 -6.12 1.95
CA PHE A 102 -4.38 -6.84 1.94
C PHE A 102 -4.84 -7.12 3.36
N ASN A 103 -6.05 -6.65 3.71
CA ASN A 103 -6.67 -6.86 5.01
CA ASN A 103 -6.64 -6.92 5.00
C ASN A 103 -7.87 -7.79 4.81
N ALA A 104 -7.81 -9.00 5.33
CA ALA A 104 -8.89 -9.97 5.18
C ALA A 104 -10.18 -9.60 5.84
N SER A 105 -10.14 -8.70 6.83
CA SER A 105 -11.32 -8.27 7.58
CA SER A 105 -11.38 -8.33 7.53
C SER A 105 -12.07 -7.09 6.96
N ALA A 106 -11.53 -6.52 5.88
CA ALA A 106 -12.15 -5.39 5.24
C ALA A 106 -13.40 -5.85 4.50
N PRO A 107 -14.25 -4.92 4.01
CA PRO A 107 -15.46 -5.34 3.27
C PRO A 107 -15.10 -6.04 1.94
N PRO A 108 -16.05 -6.80 1.41
CA PRO A 108 -15.73 -7.61 0.22
C PRO A 108 -15.60 -6.85 -1.08
N GLU A 109 -16.21 -5.65 -1.19
CA GLU A 109 -16.16 -4.93 -2.44
C GLU A 109 -15.47 -3.58 -2.25
N GLU A 110 -16.00 -2.48 -2.79
CA GLU A 110 -15.36 -1.19 -2.63
C GLU A 110 -15.61 -0.65 -1.25
N ASP A 111 -14.55 -0.23 -0.57
CA ASP A 111 -14.68 0.45 0.72
C ASP A 111 -13.89 1.74 0.63
N CYS A 112 -14.59 2.84 0.35
CA CYS A 112 -13.96 4.13 0.25
C CYS A 112 -14.16 4.98 1.49
N THR A 113 -14.36 4.35 2.63
CA THR A 113 -14.26 5.09 3.88
C THR A 113 -12.78 5.34 4.15
N SER A 114 -12.50 6.28 5.03
CA SER A 114 -11.13 6.62 5.40
C SER A 114 -10.56 5.62 6.40
N VAL A 115 -9.22 5.56 6.43
CA VAL A 115 -8.50 4.73 7.39
C VAL A 115 -8.24 5.59 8.64
N THR A 116 -8.64 5.08 9.81
CA THR A 116 -8.59 5.84 11.05
C THR A 116 -7.81 5.14 12.16
N ASP A 117 -6.93 4.20 11.81
CA ASP A 117 -6.13 3.49 12.80
C ASP A 117 -4.92 2.86 12.12
N LEU A 118 -3.88 2.59 12.93
CA LEU A 118 -2.67 1.85 12.51
C LEU A 118 -2.59 0.84 13.66
N PRO A 119 -3.35 -0.25 13.56
CA PRO A 119 -3.63 -1.07 14.76
C PRO A 119 -2.50 -1.87 15.31
N ASN A 120 -1.53 -2.21 14.47
CA ASN A 120 -0.49 -3.13 14.89
C ASN A 120 0.91 -2.56 14.80
N SER A 121 1.05 -1.24 14.95
CA SER A 121 2.38 -0.65 15.09
C SER A 121 2.88 -0.97 16.50
N PHE A 122 4.19 -0.89 16.66
CA PHE A 122 4.77 -1.19 17.96
C PHE A 122 5.31 0.07 18.59
N ASP A 123 5.78 -0.04 19.83
CA ASP A 123 6.34 1.13 20.54
C ASP A 123 7.53 1.70 19.75
N GLY A 124 7.62 3.01 19.70
CA GLY A 124 8.72 3.65 19.01
C GLY A 124 8.63 5.15 19.05
N PRO A 125 9.60 5.83 18.44
CA PRO A 125 9.66 7.29 18.56
C PRO A 125 9.15 8.08 17.38
N VAL A 126 8.70 7.41 16.32
CA VAL A 126 8.29 8.09 15.09
C VAL A 126 6.84 8.56 15.14
N THR A 127 6.58 9.80 14.67
CA THR A 127 5.19 10.23 14.52
C THR A 127 4.75 9.70 13.13
N ILE A 128 3.88 8.71 13.12
CA ILE A 128 3.41 8.12 11.86
C ILE A 128 2.04 8.69 11.56
N THR A 129 1.90 9.31 10.40
CA THR A 129 0.63 9.90 10.03
C THR A 129 0.02 9.22 8.83
N ILE A 130 -1.16 8.69 8.99
CA ILE A 130 -1.94 8.11 7.91
CA ILE A 130 -1.94 8.12 7.91
C ILE A 130 -2.68 9.27 7.26
N VAL A 131 -2.50 9.44 5.96
CA VAL A 131 -3.12 10.51 5.17
C VAL A 131 -4.07 9.90 4.17
N ASN A 132 -5.35 10.17 4.30
CA ASN A 132 -6.35 9.66 3.36
C ASN A 132 -6.43 10.56 2.14
N ARG A 133 -7.03 10.07 1.05
CA ARG A 133 -7.14 10.87 -0.17
CA ARG A 133 -7.13 10.88 -0.16
C ARG A 133 -8.00 12.11 0.06
N ASP A 134 -8.99 12.02 0.97
CA ASP A 134 -9.81 13.19 1.33
C ASP A 134 -9.12 14.11 2.32
N GLY A 135 -7.84 13.87 2.64
CA GLY A 135 -7.03 14.73 3.49
C GLY A 135 -7.13 14.45 4.97
N THR A 136 -8.12 13.65 5.38
CA THR A 136 -8.24 13.34 6.80
C THR A 136 -7.03 12.55 7.26
N ARG A 137 -6.61 12.83 8.49
CA ARG A 137 -5.40 12.25 9.03
C ARG A 137 -5.59 11.57 10.35
N TYR A 138 -4.77 10.54 10.60
CA TYR A 138 -4.70 9.84 11.89
C TYR A 138 -3.21 9.71 12.20
N SER A 139 -2.78 10.16 13.37
CA SER A 139 -1.37 10.11 13.75
C SER A 139 -1.19 9.34 15.02
N LYS A 140 -0.07 8.64 15.10
CA LYS A 140 0.26 7.91 16.32
CA LYS A 140 0.25 7.78 16.24
C LYS A 140 1.76 7.75 16.42
N LYS A 141 2.28 7.74 17.66
CA LYS A 141 3.72 7.59 17.88
C LYS A 141 4.03 6.08 17.92
N GLY A 142 5.02 5.65 17.15
CA GLY A 142 5.37 4.24 17.14
C GLY A 142 6.48 3.93 16.18
N GLU A 143 6.53 2.67 15.79
CA GLU A 143 7.48 2.19 14.79
C GLU A 143 6.81 0.97 14.15
N TYR A 144 7.21 0.66 12.92
CA TYR A 144 6.78 -0.57 12.26
C TYR A 144 7.95 -1.32 11.62
N ARG A 145 9.13 -0.68 11.47
CA ARG A 145 10.25 -1.30 10.77
C ARG A 145 11.02 -2.24 11.67
N THR A 146 11.23 -3.47 11.22
CA THR A 146 11.97 -4.45 12.01
C THR A 146 13.38 -4.71 11.46
N HIS A 147 13.73 -4.18 10.28
CA HIS A 147 15.06 -4.40 9.65
C HIS A 147 15.87 -3.11 9.75
N GLN A 148 17.05 -3.12 10.42
CA GLN A 148 17.87 -1.92 10.58
C GLN A 148 18.19 -1.18 9.28
N GLU A 149 18.48 -1.93 8.20
CA GLU A 149 18.81 -1.31 6.91
C GLU A 149 17.67 -0.47 6.32
N ASP A 150 16.43 -0.66 6.81
CA ASP A 150 15.30 0.17 6.37
C ASP A 150 15.15 1.45 7.20
N ILE A 151 15.93 1.65 8.27
CA ILE A 151 15.81 2.83 9.12
C ILE A 151 16.89 3.88 8.85
C4 O0M B . 12.38 4.48 21.22
C5 O0M B . 12.00 3.28 20.61
C6 O0M B . 12.73 2.78 19.55
C7 O0M B . 12.26 1.49 18.82
C8 O0M B . 11.49 -0.57 18.94
C10 O0M B . 13.12 -2.32 19.69
C13 O0M B . 13.83 3.48 19.09
N O0M B . 12.36 0.47 19.49
C O0M B . 14.52 7.54 20.54
O O0M B . 13.27 -3.59 20.37
C1 O0M B . 13.97 6.47 21.52
C11 O0M B . 13.96 -1.31 20.32
C12 O0M B . 13.75 0.09 19.69
C14 O0M B . 14.25 4.64 19.73
C2 O0M B . 12.88 7.10 22.47
C3 O0M B . 13.51 5.16 20.81
C9 O0M B . 11.72 -1.98 19.55
S DMS C . -10.70 8.25 2.05
O DMS C . -10.14 9.40 1.25
C1 DMS C . -12.42 8.68 2.31
C2 DMS C . -10.99 6.94 0.85
S DMS D . -2.92 -5.88 -21.26
O DMS D . -3.18 -4.45 -21.61
C1 DMS D . -2.36 -6.62 -22.77
C2 DMS D . -4.52 -6.66 -21.20
S DMS E . 0.20 11.26 18.14
O DMS E . 0.86 11.53 16.87
C1 DMS E . -1.27 12.23 18.11
C2 DMS E . 1.11 12.19 19.33
S DMS F . 1.65 -14.74 -4.81
O DMS F . 0.58 -14.53 -5.83
C1 DMS F . 3.16 -15.18 -5.60
C2 DMS F . 1.35 -16.23 -3.92
C1 EDO G . -4.96 -9.91 5.99
O1 EDO G . -5.50 -9.55 7.27
C2 EDO G . -3.95 -11.06 6.12
O2 EDO G . -3.86 -11.85 4.95
C1 EDO H . -7.18 -1.59 5.96
C1 EDO H . -6.60 -1.15 6.47
O1 EDO H . -6.33 -2.01 7.01
O1 EDO H . -6.07 0.13 6.25
C2 EDO H . -7.72 -0.22 6.23
C2 EDO H . -8.02 -1.01 6.09
O2 EDO H . -8.60 -0.28 7.33
O2 EDO H . -8.33 -2.20 5.43
C1 EDO I . -8.23 -5.76 11.68
O1 EDO I . -9.60 -5.54 11.41
C2 EDO I . -7.60 -4.40 12.05
O2 EDO I . -7.56 -3.57 10.90
C1 EDO J . -11.12 2.26 9.41
O1 EDO J . -9.68 2.30 9.64
C2 EDO J . -11.39 1.62 8.03
O2 EDO J . -12.39 2.40 7.38
#